data_7YY4
#
_entry.id   7YY4
#
_cell.length_a   75.945
_cell.length_b   124.900
_cell.length_c   118.953
_cell.angle_alpha   90.000
_cell.angle_beta   90.000
_cell.angle_gamma   90.000
#
_symmetry.space_group_name_H-M   'C 2 2 21'
#
loop_
_entity.id
_entity.type
_entity.pdbx_description
1 polymer 'Phosphopantetheine adenylyltransferase'
2 non-polymer '6-fluoranylnaphthalene-2-carboxylic acid'
3 water water
#
_entity_poly.entity_id   1
_entity_poly.type   'polypeptide(L)'
_entity_poly.pdbx_seq_one_letter_code
;SMTGAVCPGSFDPVTLGHLDVFERAAAQFDEVIVAVLINPNKAGMFTVDERIEMIRESTADLPNLRVESGQGLLVDFVRE
RGLNAIVKGLRTGTDFEYELQMAQMNKHIAGVDTFFVATAPAYSFVSSSLAKEVATYGGDVSALLPASVHQRLLGKLRGQ
AQ
;
_entity_poly.pdbx_strand_id   A,B,C
#
loop_
_chem_comp.id
_chem_comp.type
_chem_comp.name
_chem_comp.formula
I7W non-polymer '6-fluoranylnaphthalene-2-carboxylic acid' 'C11 H7 F O2'
#
# COMPACT_ATOMS: atom_id res chain seq x y z
N MET A 2 12.58 -33.23 14.98
CA MET A 2 13.80 -32.43 14.86
C MET A 2 13.53 -31.11 14.14
N THR A 3 13.06 -31.19 12.90
CA THR A 3 12.85 -29.99 12.09
C THR A 3 11.52 -29.32 12.44
N GLY A 4 11.41 -28.03 12.18
CA GLY A 4 10.19 -27.34 12.54
C GLY A 4 10.08 -25.98 11.91
N ALA A 5 8.85 -25.52 11.74
CA ALA A 5 8.64 -24.19 11.22
C ALA A 5 7.47 -23.51 11.91
N VAL A 6 7.50 -22.19 11.90
CA VAL A 6 6.39 -21.39 12.40
C VAL A 6 5.61 -20.74 11.26
N CYS A 7 4.28 -20.87 11.28
CA CYS A 7 3.42 -20.22 10.30
C CYS A 7 2.68 -19.07 10.98
N PRO A 8 3.11 -17.84 10.73
CA PRO A 8 2.53 -16.69 11.44
C PRO A 8 1.43 -15.96 10.68
N GLY A 9 0.61 -15.25 11.43
CA GLY A 9 -0.40 -14.37 10.87
C GLY A 9 -1.36 -13.88 11.94
N SER A 10 -2.29 -13.02 11.57
CA SER A 10 -3.30 -12.60 12.53
CA SER A 10 -3.34 -12.55 12.46
C SER A 10 -4.50 -13.54 12.49
N PHE A 11 -4.71 -14.20 11.35
CA PHE A 11 -5.76 -15.22 11.18
C PHE A 11 -7.10 -14.77 11.76
N ASP A 12 -7.58 -13.64 11.26
CA ASP A 12 -8.77 -13.00 11.78
C ASP A 12 -9.83 -12.78 10.67
N PRO A 13 -10.42 -13.86 10.15
CA PRO A 13 -10.25 -15.27 10.51
C PRO A 13 -9.31 -16.00 9.57
N VAL A 14 -8.97 -17.23 9.95
CA VAL A 14 -8.22 -18.13 9.07
C VAL A 14 -9.04 -18.39 7.79
N THR A 15 -8.34 -18.49 6.67
CA THR A 15 -8.97 -18.79 5.38
C THR A 15 -8.49 -20.12 4.81
N LEU A 16 -9.10 -20.57 3.72
CA LEU A 16 -8.64 -21.80 3.08
C LEU A 16 -7.25 -21.65 2.47
N GLY A 17 -6.88 -20.41 2.11
CA GLY A 17 -5.51 -20.14 1.69
C GLY A 17 -4.48 -20.41 2.78
N HIS A 18 -4.78 -19.94 3.98
CA HIS A 18 -3.95 -20.24 5.16
C HIS A 18 -3.86 -21.72 5.40
N LEU A 19 -5.00 -22.41 5.37
CA LEU A 19 -5.00 -23.84 5.68
C LEU A 19 -4.14 -24.60 4.69
N ASP A 20 -4.19 -24.19 3.43
CA ASP A 20 -3.35 -24.80 2.41
C ASP A 20 -1.88 -24.69 2.80
N VAL A 21 -1.47 -23.49 3.20
CA VAL A 21 -0.10 -23.29 3.64
C VAL A 21 0.23 -24.14 4.87
N PHE A 22 -0.66 -24.19 5.86
CA PHE A 22 -0.42 -25.06 7.04
C PHE A 22 -0.17 -26.51 6.64
N GLU A 23 -1.01 -27.01 5.74
CA GLU A 23 -0.94 -28.41 5.30
C GLU A 23 0.38 -28.71 4.59
N ARG A 24 0.85 -27.75 3.80
CA ARG A 24 2.08 -27.97 3.07
C ARG A 24 3.29 -27.88 3.98
N ALA A 25 3.22 -26.99 4.97
CA ALA A 25 4.28 -26.91 5.96
C ALA A 25 4.30 -28.18 6.81
N ALA A 26 3.14 -28.67 7.20
CA ALA A 26 3.06 -29.86 8.05
C ALA A 26 3.55 -31.10 7.31
N ALA A 27 3.45 -31.09 5.99
CA ALA A 27 3.94 -32.20 5.19
C ALA A 27 5.48 -32.22 5.07
N GLN A 28 6.11 -31.06 5.27
CA GLN A 28 7.54 -30.92 4.99
C GLN A 28 8.44 -30.69 6.20
N PHE A 29 7.84 -30.42 7.36
CA PHE A 29 8.61 -30.18 8.59
C PHE A 29 8.09 -31.11 9.68
N ASP A 30 8.95 -31.54 10.61
CA ASP A 30 8.50 -32.47 11.65
C ASP A 30 7.43 -31.86 12.54
N GLU A 31 7.60 -30.58 12.88
CA GLU A 31 6.59 -29.89 13.67
C GLU A 31 6.26 -28.52 13.08
N VAL A 32 5.01 -28.12 13.20
CA VAL A 32 4.61 -26.80 12.74
C VAL A 32 3.84 -26.10 13.83
N ILE A 33 4.21 -24.85 14.09
CA ILE A 33 3.46 -24.03 15.03
C ILE A 33 2.81 -22.90 14.28
N VAL A 34 1.49 -22.84 14.38
CA VAL A 34 0.75 -21.70 13.86
C VAL A 34 0.80 -20.61 14.91
N ALA A 35 1.34 -19.47 14.55
CA ALA A 35 1.53 -18.38 15.49
C ALA A 35 0.49 -17.30 15.24
N VAL A 36 -0.47 -17.18 16.15
CA VAL A 36 -1.54 -16.20 16.02
C VAL A 36 -1.12 -14.93 16.69
N LEU A 37 -0.80 -13.92 15.88
CA LEU A 37 -0.20 -12.72 16.41
C LEU A 37 -1.31 -11.72 16.78
N ILE A 38 -1.29 -11.28 18.03
CA ILE A 38 -2.35 -10.42 18.58
C ILE A 38 -1.80 -9.02 18.81
N ASN A 39 -2.50 -8.00 18.32
CA ASN A 39 -2.12 -6.63 18.64
C ASN A 39 -2.83 -6.17 19.91
N PRO A 40 -2.07 -5.93 20.99
CA PRO A 40 -2.73 -5.62 22.26
C PRO A 40 -3.46 -4.27 22.23
N ASN A 41 -3.27 -3.51 21.15
CA ASN A 41 -3.85 -2.17 21.04
C ASN A 41 -4.93 -2.03 19.96
N LYS A 42 -5.29 -3.13 19.31
CA LYS A 42 -6.42 -3.10 18.39
C LYS A 42 -7.06 -4.48 18.28
N ALA A 43 -8.29 -4.60 18.80
CA ALA A 43 -9.01 -5.86 18.70
C ALA A 43 -9.39 -6.09 17.25
N GLY A 44 -9.29 -7.32 16.80
CA GLY A 44 -9.74 -7.65 15.47
C GLY A 44 -11.22 -7.98 15.55
N MET A 45 -11.72 -8.70 14.55
CA MET A 45 -13.09 -9.16 14.60
C MET A 45 -13.29 -10.27 15.63
N PHE A 46 -12.32 -11.17 15.72
CA PHE A 46 -12.39 -12.34 16.59
C PHE A 46 -11.39 -12.23 17.74
N THR A 47 -11.78 -12.66 18.93
CA THR A 47 -10.86 -12.71 20.06
C THR A 47 -9.79 -13.75 19.81
N VAL A 48 -8.72 -13.72 20.60
CA VAL A 48 -7.67 -14.72 20.42
C VAL A 48 -8.20 -16.15 20.57
N ASP A 49 -9.09 -16.37 21.55
CA ASP A 49 -9.58 -17.73 21.76
C ASP A 49 -10.44 -18.19 20.58
N GLU A 50 -11.19 -17.28 19.97
CA GLU A 50 -12.00 -17.64 18.81
C GLU A 50 -11.12 -17.99 17.62
N ARG A 51 -10.07 -17.20 17.40
CA ARG A 51 -9.16 -17.46 16.29
C ARG A 51 -8.50 -18.82 16.43
N ILE A 52 -8.04 -19.13 17.63
CA ILE A 52 -7.38 -20.40 17.87
C ILE A 52 -8.32 -21.57 17.68
N GLU A 53 -9.56 -21.44 18.16
CA GLU A 53 -10.51 -22.53 17.99
C GLU A 53 -10.87 -22.78 16.53
N MET A 54 -11.02 -21.71 15.77
CA MET A 54 -11.31 -21.88 14.35
C MET A 54 -10.16 -22.58 13.62
N ILE A 55 -8.93 -22.29 14.02
CA ILE A 55 -7.80 -22.95 13.38
C ILE A 55 -7.70 -24.41 13.80
N ARG A 56 -7.91 -24.68 15.09
CA ARG A 56 -7.83 -26.06 15.58
C ARG A 56 -8.87 -26.95 14.92
N GLU A 57 -10.08 -26.44 14.78
CA GLU A 57 -11.16 -27.22 14.20
C GLU A 57 -10.90 -27.60 12.75
N SER A 58 -10.14 -26.78 12.02
CA SER A 58 -9.90 -27.09 10.61
C SER A 58 -8.51 -27.67 10.35
N THR A 59 -7.77 -27.94 11.42
CA THR A 59 -6.46 -28.62 11.30
C THR A 59 -6.38 -29.93 12.07
N ALA A 60 -7.52 -30.52 12.42
CA ALA A 60 -7.53 -31.71 13.27
C ALA A 60 -6.87 -32.92 12.62
N ASP A 61 -6.78 -32.93 11.30
CA ASP A 61 -6.12 -34.03 10.58
C ASP A 61 -4.62 -33.81 10.39
N LEU A 62 -4.08 -32.78 11.04
CA LEU A 62 -2.64 -32.53 11.00
C LEU A 62 -2.03 -32.74 12.38
N PRO A 63 -1.53 -33.96 12.64
CA PRO A 63 -1.10 -34.35 13.99
C PRO A 63 0.16 -33.63 14.46
N ASN A 64 0.95 -33.07 13.55
CA ASN A 64 2.21 -32.44 13.94
C ASN A 64 2.11 -30.92 13.97
N LEU A 65 0.89 -30.41 13.92
CA LEU A 65 0.64 -28.97 13.99
C LEU A 65 0.02 -28.56 15.32
N ARG A 66 0.50 -27.47 15.91
CA ARG A 66 -0.16 -26.92 17.08
C ARG A 66 -0.30 -25.41 16.93
N VAL A 67 -1.19 -24.83 17.71
CA VAL A 67 -1.54 -23.42 17.55
C VAL A 67 -1.28 -22.65 18.84
N GLU A 68 -0.56 -21.53 18.73
CA GLU A 68 -0.25 -20.69 19.89
C GLU A 68 -0.35 -19.22 19.52
N SER A 69 -0.77 -18.38 20.46
CA SER A 69 -0.79 -16.95 20.23
C SER A 69 0.48 -16.29 20.77
N GLY A 70 0.75 -15.08 20.30
CA GLY A 70 1.85 -14.30 20.83
C GLY A 70 1.73 -12.86 20.37
N GLN A 71 2.73 -12.05 20.76
CA GLN A 71 2.79 -10.65 20.33
C GLN A 71 4.24 -10.22 20.35
N GLY A 72 4.51 -9.01 19.90
CA GLY A 72 5.89 -8.55 19.83
C GLY A 72 6.60 -9.11 18.62
N LEU A 73 7.90 -9.33 18.74
CA LEU A 73 8.72 -9.80 17.62
C LEU A 73 8.48 -11.27 17.29
N LEU A 74 8.12 -11.52 16.03
CA LEU A 74 7.98 -12.88 15.56
C LEU A 74 9.23 -13.70 15.84
N VAL A 75 10.41 -13.13 15.61
CA VAL A 75 11.62 -13.93 15.72
C VAL A 75 11.86 -14.38 17.17
N ASP A 76 11.39 -13.60 18.14
CA ASP A 76 11.43 -14.06 19.53
C ASP A 76 10.54 -15.26 19.76
N PHE A 77 9.34 -15.23 19.20
CA PHE A 77 8.42 -16.36 19.29
C PHE A 77 9.06 -17.63 18.70
N VAL A 78 9.68 -17.48 17.54
CA VAL A 78 10.30 -18.61 16.86
C VAL A 78 11.47 -19.18 17.68
N ARG A 79 12.39 -18.31 18.11
CA ARG A 79 13.60 -18.76 18.80
C ARG A 79 13.31 -19.33 20.18
N GLU A 80 12.32 -18.77 20.88
CA GLU A 80 11.99 -19.28 22.23
C GLU A 80 11.49 -20.72 22.15
N ARG A 81 11.11 -21.16 20.95
CA ARG A 81 10.67 -22.54 20.78
C ARG A 81 11.75 -23.42 20.17
N GLY A 82 12.97 -22.89 20.08
CA GLY A 82 14.08 -23.68 19.58
C GLY A 82 14.06 -23.87 18.08
N LEU A 83 13.31 -23.03 17.39
CA LEU A 83 13.22 -23.13 15.93
C LEU A 83 13.88 -21.93 15.28
N ASN A 84 14.09 -21.99 13.97
CA ASN A 84 14.75 -20.95 13.23
CA ASN A 84 14.59 -20.79 13.29
C ASN A 84 14.16 -20.74 11.83
N ALA A 85 12.91 -21.17 11.61
CA ALA A 85 12.28 -21.07 10.29
C ALA A 85 10.84 -20.58 10.41
N ILE A 86 10.51 -19.66 9.49
CA ILE A 86 9.17 -19.14 9.24
C ILE A 86 8.70 -19.63 7.88
N VAL A 87 7.47 -20.12 7.80
CA VAL A 87 6.83 -20.41 6.50
C VAL A 87 5.63 -19.51 6.29
N LYS A 88 5.62 -18.81 5.16
CA LYS A 88 4.62 -17.81 4.84
C LYS A 88 4.07 -18.07 3.45
N GLY A 89 2.77 -17.92 3.28
CA GLY A 89 2.16 -18.04 1.96
C GLY A 89 2.28 -16.75 1.17
N LEU A 90 2.40 -16.88 -0.14
CA LEU A 90 2.50 -15.69 -1.03
C LEU A 90 1.45 -15.76 -2.13
N ARG A 91 1.16 -14.60 -2.69
CA ARG A 91 0.20 -14.54 -3.83
C ARG A 91 0.91 -13.88 -5.03
N THR A 92 1.60 -12.77 -4.80
CA THR A 92 2.12 -12.01 -5.97
C THR A 92 3.55 -11.55 -5.72
N GLY A 93 4.13 -10.90 -6.74
CA GLY A 93 5.47 -10.32 -6.64
C GLY A 93 5.47 -9.11 -5.70
N THR A 94 4.33 -8.40 -5.55
CA THR A 94 4.25 -7.24 -4.64
C THR A 94 4.26 -7.78 -3.21
N ASP A 95 3.60 -8.91 -2.99
CA ASP A 95 3.62 -9.57 -1.66
C ASP A 95 5.07 -9.92 -1.41
N PHE A 96 5.80 -10.25 -2.45
CA PHE A 96 7.21 -10.60 -2.20
C PHE A 96 8.01 -9.35 -1.72
N GLU A 97 7.61 -8.06 -1.97
CA GLU A 97 8.42 -6.86 -1.56
C GLU A 97 8.37 -6.50 -0.07
N TYR A 98 7.20 -6.25 0.52
CA TYR A 98 7.20 -5.96 1.98
C TYR A 98 7.67 -7.23 2.71
N GLU A 99 7.23 -8.41 2.27
CA GLU A 99 7.65 -9.67 2.90
C GLU A 99 9.15 -9.89 2.77
N LEU A 100 9.74 -9.56 1.63
CA LEU A 100 11.22 -9.74 1.50
C LEU A 100 11.90 -8.84 2.53
N GLN A 101 11.45 -7.61 2.64
CA GLN A 101 12.06 -6.66 3.61
C GLN A 101 12.02 -7.27 5.02
N MET A 102 10.85 -7.78 5.42
CA MET A 102 10.75 -8.35 6.76
C MET A 102 11.58 -9.64 6.90
N ALA A 103 11.66 -10.44 5.84
CA ALA A 103 12.43 -11.67 5.91
C ALA A 103 13.93 -11.37 6.08
N GLN A 104 14.41 -10.37 5.38
CA GLN A 104 15.82 -10.01 5.51
C GLN A 104 16.11 -9.33 6.83
N MET A 105 15.18 -8.52 7.31
CA MET A 105 15.34 -7.96 8.66
C MET A 105 15.40 -9.08 9.71
N ASN A 106 14.48 -10.06 9.61
CA ASN A 106 14.41 -11.15 10.59
C ASN A 106 15.65 -12.04 10.58
N LYS A 107 16.22 -12.23 9.40
CA LYS A 107 17.48 -12.96 9.30
C LYS A 107 18.61 -12.15 9.93
N HIS A 108 18.61 -10.83 9.70
CA HIS A 108 19.65 -9.96 10.25
C HIS A 108 19.65 -9.93 11.78
N ILE A 109 18.48 -9.83 12.40
CA ILE A 109 18.44 -9.57 13.83
C ILE A 109 18.42 -10.85 14.67
N ALA A 110 18.08 -11.97 14.05
CA ALA A 110 17.88 -13.19 14.83
C ALA A 110 18.31 -14.47 14.14
N GLY A 111 18.75 -14.37 12.88
CA GLY A 111 19.23 -15.55 12.17
C GLY A 111 18.11 -16.50 11.78
N VAL A 112 16.88 -15.99 11.77
CA VAL A 112 15.72 -16.81 11.41
C VAL A 112 15.46 -16.77 9.91
N ASP A 113 15.28 -17.95 9.29
CA ASP A 113 15.06 -18.06 7.85
C ASP A 113 13.58 -17.97 7.53
N THR A 114 13.25 -17.44 6.36
CA THR A 114 11.85 -17.41 5.93
C THR A 114 11.69 -18.13 4.61
N PHE A 115 10.80 -19.11 4.57
CA PHE A 115 10.49 -19.84 3.36
C PHE A 115 9.11 -19.42 2.88
N PHE A 116 9.00 -19.06 1.60
CA PHE A 116 7.72 -18.65 1.05
C PHE A 116 7.15 -19.75 0.19
N VAL A 117 5.83 -19.94 0.28
CA VAL A 117 5.19 -20.90 -0.62
CA VAL A 117 5.13 -20.93 -0.55
C VAL A 117 4.02 -20.27 -1.36
N ALA A 118 3.95 -20.59 -2.65
CA ALA A 118 2.88 -20.09 -3.49
C ALA A 118 1.55 -20.71 -3.05
N THR A 119 0.58 -19.86 -2.74
CA THR A 119 -0.76 -20.32 -2.45
C THR A 119 -1.31 -21.16 -3.62
N ALA A 120 -2.24 -22.06 -3.33
CA ALA A 120 -2.97 -22.81 -4.34
C ALA A 120 -3.79 -21.83 -5.18
N PRO A 121 -3.86 -22.07 -6.49
CA PRO A 121 -4.62 -21.15 -7.36
C PRO A 121 -6.05 -20.84 -6.92
N ALA A 122 -6.79 -21.85 -6.48
CA ALA A 122 -8.19 -21.69 -6.09
C ALA A 122 -8.40 -20.72 -4.92
N TYR A 123 -7.38 -20.59 -4.08
CA TYR A 123 -7.50 -19.84 -2.83
C TYR A 123 -6.69 -18.56 -2.89
N SER A 124 -6.23 -18.24 -4.08
CA SER A 124 -5.22 -17.20 -4.25
C SER A 124 -5.76 -15.79 -4.09
N PHE A 125 -7.07 -15.61 -4.16
CA PHE A 125 -7.60 -14.25 -4.12
C PHE A 125 -8.31 -13.99 -2.80
N VAL A 126 -8.34 -15.00 -1.94
CA VAL A 126 -8.94 -14.79 -0.65
C VAL A 126 -7.89 -14.23 0.31
N SER A 127 -8.31 -13.23 1.06
CA SER A 127 -7.59 -12.73 2.20
C SER A 127 -8.60 -12.56 3.33
N SER A 128 -8.13 -12.54 4.57
CA SER A 128 -9.02 -12.34 5.71
C SER A 128 -9.77 -11.03 5.54
N SER A 129 -9.06 -9.98 5.15
CA SER A 129 -9.66 -8.65 5.08
CA SER A 129 -9.66 -8.66 5.08
C SER A 129 -10.70 -8.58 3.96
N LEU A 130 -10.36 -9.14 2.80
CA LEU A 130 -11.32 -9.07 1.68
C LEU A 130 -12.54 -9.95 1.95
N ALA A 131 -12.33 -11.09 2.60
CA ALA A 131 -13.45 -11.96 2.95
C ALA A 131 -14.38 -11.25 3.93
N LYS A 132 -13.81 -10.60 4.93
CA LYS A 132 -14.61 -9.84 5.87
C LYS A 132 -15.37 -8.71 5.15
N GLU A 133 -14.67 -8.01 4.27
CA GLU A 133 -15.30 -6.87 3.59
C GLU A 133 -16.44 -7.32 2.67
N VAL A 134 -16.23 -8.43 1.97
CA VAL A 134 -17.27 -8.94 1.08
C VAL A 134 -18.44 -9.46 1.90
N ALA A 135 -18.15 -10.21 2.96
CA ALA A 135 -19.21 -10.75 3.82
C ALA A 135 -20.04 -9.65 4.47
N THR A 136 -19.40 -8.53 4.80
CA THR A 136 -20.10 -7.41 5.46
C THR A 136 -21.24 -6.92 4.59
N TYR A 137 -20.98 -6.83 3.29
CA TYR A 137 -21.99 -6.32 2.37
C TYR A 137 -22.76 -7.41 1.69
N GLY A 138 -22.71 -8.62 2.27
CA GLY A 138 -23.60 -9.69 1.86
C GLY A 138 -23.11 -10.69 0.82
N GLY A 139 -21.89 -10.54 0.33
CA GLY A 139 -21.35 -11.45 -0.67
C GLY A 139 -21.06 -12.84 -0.12
N ASP A 140 -21.18 -13.84 -0.97
CA ASP A 140 -21.03 -15.25 -0.60
C ASP A 140 -19.58 -15.71 -0.60
N VAL A 141 -19.01 -15.89 0.60
CA VAL A 141 -17.61 -16.29 0.73
C VAL A 141 -17.48 -17.69 1.35
N SER A 142 -18.57 -18.46 1.33
CA SER A 142 -18.59 -19.78 1.93
C SER A 142 -17.54 -20.75 1.39
N ALA A 143 -17.18 -20.59 0.13
CA ALA A 143 -16.24 -21.51 -0.50
C ALA A 143 -14.78 -21.15 -0.23
N LEU A 144 -14.56 -20.02 0.45
CA LEU A 144 -13.21 -19.50 0.66
C LEU A 144 -12.71 -19.70 2.08
N LEU A 145 -13.61 -20.15 2.95
CA LEU A 145 -13.34 -20.28 4.37
C LEU A 145 -13.73 -21.66 4.84
N PRO A 146 -12.99 -22.17 5.84
CA PRO A 146 -13.37 -23.43 6.48
C PRO A 146 -14.74 -23.33 7.14
N ALA A 147 -15.38 -24.49 7.30
CA ALA A 147 -16.66 -24.58 7.98
C ALA A 147 -16.56 -24.01 9.40
N SER A 148 -15.39 -24.14 10.00
CA SER A 148 -15.17 -23.65 11.36
C SER A 148 -15.29 -22.13 11.45
N VAL A 149 -15.32 -21.47 10.29
CA VAL A 149 -15.28 -20.02 10.22
C VAL A 149 -16.55 -19.32 9.70
N HIS A 150 -17.13 -19.86 8.64
CA HIS A 150 -18.09 -19.08 7.83
C HIS A 150 -19.28 -18.58 8.64
N GLN A 151 -19.94 -19.47 9.36
CA GLN A 151 -21.12 -19.07 10.08
C GLN A 151 -20.78 -18.27 11.35
N ARG A 152 -19.62 -18.50 11.93
CA ARG A 152 -19.15 -17.66 13.03
C ARG A 152 -18.89 -16.24 12.53
N LEU A 153 -18.34 -16.12 11.32
CA LEU A 153 -18.16 -14.82 10.69
C LEU A 153 -19.51 -14.11 10.48
N LEU A 154 -20.48 -14.83 9.93
CA LEU A 154 -21.79 -14.24 9.67
C LEU A 154 -22.44 -13.77 10.98
N GLY A 155 -22.23 -14.55 12.04
CA GLY A 155 -22.75 -14.21 13.36
C GLY A 155 -22.14 -12.92 13.92
N LYS A 156 -20.83 -12.78 13.81
CA LYS A 156 -20.18 -11.52 14.18
C LYS A 156 -20.72 -10.32 13.42
N LEU A 157 -20.97 -10.49 12.13
CA LEU A 157 -21.42 -9.38 11.32
C LEU A 157 -22.88 -9.04 11.66
N ARG A 158 -23.64 -10.05 12.05
CA ARG A 158 -25.02 -9.83 12.48
C ARG A 158 -25.10 -9.66 14.00
N MET B 2 -27.93 -6.56 -26.36
CA MET B 2 -27.57 -5.41 -25.54
C MET B 2 -26.39 -5.72 -24.61
N THR B 3 -25.24 -5.13 -24.92
CA THR B 3 -24.05 -5.28 -24.10
C THR B 3 -23.91 -4.09 -23.15
N GLY B 4 -23.11 -4.24 -22.09
CA GLY B 4 -22.99 -3.14 -21.16
C GLY B 4 -21.95 -3.35 -20.09
N ALA B 5 -21.44 -2.26 -19.53
CA ALA B 5 -20.44 -2.33 -18.47
C ALA B 5 -20.59 -1.20 -17.45
N VAL B 6 -20.10 -1.45 -16.24
CA VAL B 6 -20.12 -0.45 -15.18
C VAL B 6 -18.70 0.06 -14.94
N CYS B 7 -18.53 1.38 -14.88
CA CYS B 7 -17.24 1.99 -14.55
C CYS B 7 -17.31 2.57 -13.15
N PRO B 8 -16.70 1.90 -12.16
CA PRO B 8 -16.84 2.28 -10.75
C PRO B 8 -15.76 3.22 -10.25
N GLY B 9 -16.10 4.04 -9.27
CA GLY B 9 -15.08 4.87 -8.67
C GLY B 9 -15.67 5.81 -7.64
N SER B 10 -14.80 6.55 -6.97
CA SER B 10 -15.29 7.63 -6.13
C SER B 10 -15.33 8.96 -6.92
N PHE B 11 -14.39 9.14 -7.86
CA PHE B 11 -14.38 10.33 -8.75
C PHE B 11 -14.50 11.63 -7.94
N ASP B 12 -13.51 11.86 -7.08
CA ASP B 12 -13.53 13.00 -6.17
C ASP B 12 -12.31 13.91 -6.33
N PRO B 13 -12.19 14.64 -7.44
CA PRO B 13 -13.12 14.72 -8.57
C PRO B 13 -12.72 13.80 -9.73
N VAL B 14 -13.57 13.73 -10.74
CA VAL B 14 -13.25 13.02 -11.97
C VAL B 14 -12.06 13.70 -12.65
N THR B 15 -11.16 12.88 -13.18
CA THR B 15 -10.00 13.36 -13.90
C THR B 15 -10.10 13.03 -15.40
N LEU B 16 -9.17 13.56 -16.18
CA LEU B 16 -9.13 13.21 -17.60
C LEU B 16 -8.72 11.74 -17.79
N GLY B 17 -8.03 11.17 -16.81
CA GLY B 17 -7.72 9.75 -16.84
C GLY B 17 -9.00 8.94 -16.81
N HIS B 18 -9.90 9.30 -15.91
CA HIS B 18 -11.22 8.66 -15.82
C HIS B 18 -12.01 8.84 -17.10
N LEU B 19 -12.00 10.05 -17.62
CA LEU B 19 -12.80 10.40 -18.80
C LEU B 19 -12.34 9.55 -19.96
N ASP B 20 -11.02 9.36 -20.06
CA ASP B 20 -10.46 8.55 -21.14
C ASP B 20 -11.00 7.12 -21.06
N VAL B 21 -11.04 6.56 -19.85
CA VAL B 21 -11.66 5.24 -19.65
C VAL B 21 -13.16 5.23 -20.01
N PHE B 22 -13.90 6.25 -19.57
CA PHE B 22 -15.31 6.33 -19.90
C PHE B 22 -15.53 6.29 -21.40
N GLU B 23 -14.73 7.06 -22.13
CA GLU B 23 -14.90 7.17 -23.59
C GLU B 23 -14.61 5.84 -24.27
N ARG B 24 -13.59 5.15 -23.79
CA ARG B 24 -13.28 3.86 -24.39
C ARG B 24 -14.31 2.80 -24.07
N ALA B 25 -14.88 2.84 -22.86
CA ALA B 25 -15.97 1.96 -22.52
C ALA B 25 -17.19 2.23 -23.38
N ALA B 26 -17.55 3.51 -23.51
CA ALA B 26 -18.74 3.91 -24.26
C ALA B 26 -18.60 3.54 -25.76
N ALA B 27 -17.37 3.47 -26.24
CA ALA B 27 -17.13 3.17 -27.65
C ALA B 27 -17.30 1.67 -27.92
N GLN B 28 -17.20 0.85 -26.88
CA GLN B 28 -17.16 -0.59 -27.09
C GLN B 28 -18.37 -1.34 -26.53
N PHE B 29 -19.14 -0.70 -25.65
CA PHE B 29 -20.34 -1.35 -25.08
C PHE B 29 -21.60 -0.57 -25.44
N ASP B 30 -22.73 -1.25 -25.56
CA ASP B 30 -23.97 -0.56 -25.92
C ASP B 30 -24.41 0.43 -24.86
N GLU B 31 -24.19 0.07 -23.59
CA GLU B 31 -24.56 0.91 -22.45
C GLU B 31 -23.40 0.91 -21.44
N VAL B 32 -23.07 2.07 -20.89
CA VAL B 32 -22.11 2.18 -19.81
C VAL B 32 -22.74 2.92 -18.63
N ILE B 33 -22.55 2.41 -17.41
CA ILE B 33 -23.03 3.12 -16.23
C ILE B 33 -21.83 3.48 -15.38
N VAL B 34 -21.65 4.76 -15.10
CA VAL B 34 -20.60 5.20 -14.22
C VAL B 34 -21.21 5.11 -12.83
N ALA B 35 -20.59 4.32 -11.96
CA ALA B 35 -21.11 4.11 -10.61
C ALA B 35 -20.27 4.88 -9.59
N VAL B 36 -20.88 5.89 -8.98
CA VAL B 36 -20.20 6.78 -8.04
C VAL B 36 -20.43 6.28 -6.63
N LEU B 37 -19.35 5.95 -5.94
CA LEU B 37 -19.44 5.41 -4.61
C LEU B 37 -19.87 6.44 -3.57
N ILE B 38 -20.90 6.14 -2.80
CA ILE B 38 -21.17 6.97 -1.62
C ILE B 38 -20.66 6.21 -0.41
N ASN B 39 -19.80 6.87 0.36
CA ASN B 39 -19.23 6.24 1.54
C ASN B 39 -19.67 6.99 2.79
N PRO B 40 -20.48 6.31 3.62
CA PRO B 40 -21.04 6.87 4.85
C PRO B 40 -19.97 7.50 5.75
N ASN B 41 -18.80 6.87 5.78
CA ASN B 41 -17.68 7.40 6.53
C ASN B 41 -16.86 8.40 5.71
N LYS B 42 -15.97 7.88 4.87
CA LYS B 42 -15.04 8.68 4.08
C LYS B 42 -15.70 9.78 3.26
N ALA B 43 -15.89 10.95 3.88
CA ALA B 43 -16.40 12.11 3.16
C ALA B 43 -15.26 12.95 2.59
N GLY B 44 -15.15 12.96 1.26
CA GLY B 44 -14.09 13.68 0.59
C GLY B 44 -14.42 15.14 0.37
N MET B 45 -13.92 15.68 -0.74
CA MET B 45 -14.00 17.10 -1.01
C MET B 45 -15.33 17.51 -1.65
N PHE B 46 -15.84 16.66 -2.53
CA PHE B 46 -17.09 16.96 -3.23
C PHE B 46 -18.22 16.02 -2.79
N THR B 47 -19.43 16.56 -2.64
CA THR B 47 -20.59 15.72 -2.36
C THR B 47 -20.87 14.80 -3.53
N VAL B 48 -21.65 13.74 -3.31
CA VAL B 48 -22.01 12.82 -4.38
C VAL B 48 -22.71 13.55 -5.53
N ASP B 49 -23.58 14.49 -5.21
CA ASP B 49 -24.30 15.22 -6.26
C ASP B 49 -23.34 16.06 -7.08
N GLU B 50 -22.38 16.67 -6.41
CA GLU B 50 -21.37 17.45 -7.11
C GLU B 50 -20.55 16.56 -8.04
N ARG B 51 -20.18 15.38 -7.56
CA ARG B 51 -19.38 14.45 -8.35
CA ARG B 51 -19.37 14.45 -8.35
C ARG B 51 -20.15 13.96 -9.57
N ILE B 52 -21.43 13.65 -9.39
CA ILE B 52 -22.28 13.21 -10.49
C ILE B 52 -22.39 14.32 -11.53
N GLU B 53 -22.54 15.56 -11.06
CA GLU B 53 -22.72 16.67 -11.97
C GLU B 53 -21.45 16.95 -12.77
N MET B 54 -20.29 16.80 -12.13
CA MET B 54 -19.03 16.98 -12.84
C MET B 54 -18.80 15.90 -13.89
N ILE B 55 -19.17 14.67 -13.57
CA ILE B 55 -19.08 13.59 -14.55
C ILE B 55 -20.06 13.81 -15.72
N ARG B 56 -21.27 14.24 -15.42
CA ARG B 56 -22.24 14.49 -16.47
C ARG B 56 -21.81 15.61 -17.42
N GLU B 57 -21.23 16.68 -16.88
CA GLU B 57 -20.69 17.72 -17.77
C GLU B 57 -19.61 17.18 -18.67
N SER B 58 -18.72 16.35 -18.11
CA SER B 58 -17.55 15.86 -18.84
C SER B 58 -17.90 14.82 -19.88
N THR B 59 -19.04 14.17 -19.71
CA THR B 59 -19.47 13.10 -20.59
C THR B 59 -20.70 13.46 -21.42
N ALA B 60 -20.94 14.75 -21.61
CA ALA B 60 -22.13 15.19 -22.34
C ALA B 60 -22.21 14.64 -23.76
N ASP B 61 -21.07 14.30 -24.36
CA ASP B 61 -21.04 13.78 -25.73
CA ASP B 61 -21.03 13.77 -25.73
C ASP B 61 -21.08 12.24 -25.80
N LEU B 62 -21.39 11.60 -24.67
CA LEU B 62 -21.48 10.14 -24.63
C LEU B 62 -22.92 9.73 -24.34
N PRO B 63 -23.74 9.55 -25.40
CA PRO B 63 -25.17 9.35 -25.16
C PRO B 63 -25.52 8.01 -24.52
N ASN B 64 -24.65 7.02 -24.68
CA ASN B 64 -24.94 5.70 -24.13
C ASN B 64 -24.33 5.49 -22.74
N LEU B 65 -23.86 6.57 -22.14
CA LEU B 65 -23.29 6.51 -20.81
C LEU B 65 -24.17 7.29 -19.85
N ARG B 66 -24.48 6.69 -18.72
CA ARG B 66 -25.17 7.42 -17.67
C ARG B 66 -24.44 7.30 -16.34
N VAL B 67 -24.77 8.21 -15.42
CA VAL B 67 -24.09 8.28 -14.14
C VAL B 67 -25.08 8.03 -13.01
N GLU B 68 -24.72 7.13 -12.09
CA GLU B 68 -25.57 6.83 -10.94
C GLU B 68 -24.69 6.64 -9.70
N SER B 69 -25.28 6.81 -8.53
CA SER B 69 -24.53 6.59 -7.31
C SER B 69 -25.00 5.30 -6.66
N GLY B 70 -24.18 4.78 -5.75
CA GLY B 70 -24.49 3.51 -5.13
C GLY B 70 -23.64 3.25 -3.92
N GLN B 71 -24.00 2.20 -3.19
CA GLN B 71 -23.37 1.83 -1.93
C GLN B 71 -23.18 0.33 -1.86
N GLY B 72 -22.28 -0.12 -1.00
CA GLY B 72 -22.16 -1.54 -0.72
C GLY B 72 -21.36 -2.32 -1.76
N LEU B 73 -21.82 -3.52 -2.06
CA LEU B 73 -21.11 -4.42 -2.96
C LEU B 73 -21.26 -3.99 -4.42
N LEU B 74 -20.14 -3.81 -5.12
CA LEU B 74 -20.18 -3.37 -6.51
C LEU B 74 -20.91 -4.40 -7.39
N VAL B 75 -20.67 -5.68 -7.19
CA VAL B 75 -21.31 -6.68 -8.05
C VAL B 75 -22.84 -6.68 -7.88
N ASP B 76 -23.35 -6.23 -6.74
CA ASP B 76 -24.79 -6.08 -6.57
C ASP B 76 -25.32 -4.93 -7.42
N PHE B 77 -24.63 -3.80 -7.38
CA PHE B 77 -24.94 -2.66 -8.24
C PHE B 77 -24.99 -3.10 -9.71
N VAL B 78 -23.99 -3.87 -10.13
CA VAL B 78 -23.89 -4.32 -11.51
C VAL B 78 -25.03 -5.25 -11.90
N ARG B 79 -25.28 -6.27 -11.08
CA ARG B 79 -26.30 -7.25 -11.41
C ARG B 79 -27.72 -6.70 -11.31
N GLU B 80 -27.92 -5.72 -10.43
CA GLU B 80 -29.23 -5.10 -10.27
C GLU B 80 -29.65 -4.37 -11.54
N ARG B 81 -28.66 -3.99 -12.35
CA ARG B 81 -28.91 -3.27 -13.59
C ARG B 81 -28.85 -4.18 -14.82
N GLY B 82 -28.87 -5.48 -14.58
CA GLY B 82 -28.93 -6.47 -15.63
C GLY B 82 -27.63 -6.63 -16.39
N LEU B 83 -26.53 -6.21 -15.78
CA LEU B 83 -25.23 -6.27 -16.42
C LEU B 83 -24.32 -7.27 -15.70
N ASN B 84 -23.16 -7.56 -16.28
CA ASN B 84 -22.24 -8.47 -15.60
CA ASN B 84 -22.27 -8.60 -15.83
C ASN B 84 -20.80 -8.24 -16.06
N ALA B 85 -20.52 -6.96 -16.29
CA ALA B 85 -19.17 -6.52 -16.65
C ALA B 85 -18.82 -5.21 -15.98
N ILE B 86 -17.58 -5.13 -15.50
CA ILE B 86 -16.99 -3.92 -14.95
C ILE B 86 -15.86 -3.51 -15.85
N VAL B 87 -15.70 -2.21 -16.11
CA VAL B 87 -14.54 -1.74 -16.85
C VAL B 87 -13.77 -0.78 -15.95
N LYS B 88 -12.48 -1.07 -15.77
CA LYS B 88 -11.62 -0.27 -14.88
C LYS B 88 -10.35 0.16 -15.56
N GLY B 89 -9.88 1.36 -15.26
CA GLY B 89 -8.64 1.84 -15.85
C GLY B 89 -7.45 1.45 -14.98
N LEU B 90 -6.34 1.18 -15.64
CA LEU B 90 -5.09 0.81 -14.98
C LEU B 90 -3.97 1.76 -15.32
N ARG B 91 -2.97 1.84 -14.44
CA ARG B 91 -1.76 2.61 -14.71
C ARG B 91 -0.51 1.73 -14.55
N THR B 92 -0.45 0.92 -13.49
CA THR B 92 0.73 0.09 -13.27
C THR B 92 0.41 -1.38 -13.09
N GLY B 93 1.50 -2.13 -12.96
CA GLY B 93 1.44 -3.58 -12.69
C GLY B 93 1.12 -3.85 -11.24
N THR B 94 1.37 -2.81 -10.53
CA THR B 94 1.01 -2.95 -9.10
C THR B 94 -0.51 -2.81 -8.92
N ASP B 95 -1.07 -1.89 -9.67
CA ASP B 95 -2.53 -1.68 -9.64
C ASP B 95 -3.12 -2.96 -10.20
N PHE B 96 -2.42 -3.67 -11.05
CA PHE B 96 -2.98 -4.94 -11.53
C PHE B 96 -3.16 -5.86 -10.28
N GLU B 97 -2.22 -5.92 -9.32
CA GLU B 97 -2.24 -6.86 -8.15
C GLU B 97 -3.47 -6.75 -7.25
N TYR B 98 -3.73 -5.62 -6.61
CA TYR B 98 -4.94 -5.53 -5.75
C TYR B 98 -6.20 -5.62 -6.65
N GLU B 99 -6.14 -5.01 -7.84
CA GLU B 99 -7.33 -5.08 -8.72
C GLU B 99 -7.57 -6.51 -9.19
N LEU B 100 -6.50 -7.27 -9.42
CA LEU B 100 -6.66 -8.67 -9.89
C LEU B 100 -7.37 -9.45 -8.80
N GLN B 101 -6.95 -9.26 -7.57
CA GLN B 101 -7.58 -9.94 -6.44
C GLN B 101 -9.07 -9.65 -6.42
N MET B 102 -9.40 -8.36 -6.53
CA MET B 102 -10.81 -7.97 -6.49
C MET B 102 -11.59 -8.50 -7.69
N ALA B 103 -10.97 -8.51 -8.88
CA ALA B 103 -11.64 -9.05 -10.06
C ALA B 103 -11.95 -10.54 -9.91
N GLN B 104 -11.00 -11.30 -9.39
CA GLN B 104 -11.23 -12.73 -9.18
C GLN B 104 -12.28 -12.95 -8.13
N MET B 105 -12.24 -12.17 -7.05
CA MET B 105 -13.29 -12.23 -6.05
C MET B 105 -14.65 -11.92 -6.66
N ASN B 106 -14.73 -10.84 -7.42
CA ASN B 106 -16.02 -10.45 -7.99
C ASN B 106 -16.57 -11.47 -8.96
N LYS B 107 -15.69 -12.15 -9.70
CA LYS B 107 -16.12 -13.21 -10.59
C LYS B 107 -16.65 -14.40 -9.80
N HIS B 108 -15.97 -14.68 -8.70
CA HIS B 108 -16.29 -15.85 -7.89
C HIS B 108 -17.64 -15.70 -7.20
N ILE B 109 -17.87 -14.53 -6.60
CA ILE B 109 -19.08 -14.35 -5.79
C ILE B 109 -20.32 -14.01 -6.61
N ALA B 110 -20.15 -13.54 -7.85
CA ALA B 110 -21.34 -13.10 -8.57
C ALA B 110 -21.27 -13.29 -10.09
N GLY B 111 -20.17 -13.87 -10.58
CA GLY B 111 -20.05 -14.15 -12.01
C GLY B 111 -19.87 -12.91 -12.86
N VAL B 112 -19.41 -11.82 -12.24
CA VAL B 112 -19.18 -10.55 -12.96
C VAL B 112 -17.74 -10.48 -13.46
N ASP B 113 -17.58 -10.18 -14.75
CA ASP B 113 -16.28 -10.04 -15.41
C ASP B 113 -15.72 -8.64 -15.20
N THR B 114 -14.40 -8.52 -15.20
CA THR B 114 -13.77 -7.22 -15.14
C THR B 114 -12.79 -7.06 -16.29
N PHE B 115 -12.96 -5.97 -17.03
CA PHE B 115 -12.08 -5.66 -18.15
C PHE B 115 -11.24 -4.46 -17.77
N PHE B 116 -9.93 -4.57 -17.90
CA PHE B 116 -9.02 -3.48 -17.55
C PHE B 116 -8.52 -2.79 -18.80
N VAL B 117 -8.42 -1.46 -18.76
CA VAL B 117 -7.82 -0.73 -19.87
C VAL B 117 -6.76 0.21 -19.36
N ALA B 118 -5.64 0.26 -20.06
CA ALA B 118 -4.56 1.20 -19.75
C ALA B 118 -4.97 2.62 -20.12
N THR B 119 -4.84 3.57 -19.21
CA THR B 119 -5.24 4.93 -19.57
C THR B 119 -4.17 5.50 -20.50
N ALA B 120 -4.52 6.53 -21.25
CA ALA B 120 -3.59 7.17 -22.18
C ALA B 120 -2.33 7.59 -21.43
N PRO B 121 -1.18 7.50 -22.11
CA PRO B 121 0.09 7.91 -21.47
C PRO B 121 0.02 9.31 -20.85
N ALA B 122 -0.66 10.22 -21.55
CA ALA B 122 -0.77 11.61 -21.10
C ALA B 122 -1.40 11.72 -19.72
N TYR B 123 -2.37 10.86 -19.45
CA TYR B 123 -3.14 10.99 -18.21
C TYR B 123 -2.78 9.90 -17.20
N SER B 124 -1.61 9.30 -17.35
CA SER B 124 -1.26 8.12 -16.57
C SER B 124 -0.70 8.39 -15.18
N PHE B 125 -0.34 9.64 -14.89
CA PHE B 125 0.18 9.95 -13.56
C PHE B 125 -0.83 10.77 -12.77
N VAL B 126 -2.00 11.00 -13.33
CA VAL B 126 -3.01 11.78 -12.64
CA VAL B 126 -2.99 11.78 -12.61
C VAL B 126 -3.90 10.86 -11.81
N SER B 127 -4.24 11.32 -10.61
CA SER B 127 -5.21 10.63 -9.78
C SER B 127 -5.95 11.73 -9.04
N SER B 128 -7.15 11.39 -8.57
CA SER B 128 -7.97 12.38 -7.87
C SER B 128 -7.23 12.91 -6.65
N SER B 129 -6.64 11.99 -5.89
CA SER B 129 -5.96 12.36 -4.65
CA SER B 129 -5.97 12.37 -4.65
C SER B 129 -4.74 13.24 -4.91
N LEU B 130 -3.94 12.87 -5.89
CA LEU B 130 -2.74 13.65 -6.17
C LEU B 130 -3.10 15.01 -6.79
N ALA B 131 -4.15 15.07 -7.63
CA ALA B 131 -4.57 16.34 -8.19
C ALA B 131 -5.03 17.32 -7.10
N LYS B 132 -5.79 16.81 -6.13
CA LYS B 132 -6.24 17.64 -5.02
C LYS B 132 -5.08 18.15 -4.18
N GLU B 133 -4.12 17.26 -3.92
CA GLU B 133 -2.97 17.61 -3.09
C GLU B 133 -2.14 18.69 -3.76
N VAL B 134 -1.91 18.54 -5.05
CA VAL B 134 -1.12 19.54 -5.78
C VAL B 134 -1.85 20.87 -5.87
N ALA B 135 -3.15 20.82 -6.14
CA ALA B 135 -3.97 22.03 -6.25
C ALA B 135 -4.01 22.76 -4.92
N THR B 136 -4.11 22.00 -3.83
CA THR B 136 -4.18 22.57 -2.48
C THR B 136 -2.99 23.48 -2.19
N TYR B 137 -1.82 23.12 -2.71
CA TYR B 137 -0.61 23.91 -2.48
C TYR B 137 -0.26 24.80 -3.66
N GLY B 138 -1.24 25.00 -4.55
CA GLY B 138 -1.11 25.98 -5.61
C GLY B 138 -0.49 25.54 -6.91
N GLY B 139 -0.23 24.24 -7.06
CA GLY B 139 0.31 23.72 -8.30
C GLY B 139 -0.76 23.67 -9.39
N ASP B 140 -0.34 23.70 -10.66
CA ASP B 140 -1.31 23.80 -11.74
C ASP B 140 -1.65 22.44 -12.37
N VAL B 141 -2.88 21.99 -12.11
CA VAL B 141 -3.32 20.68 -12.61
C VAL B 141 -4.42 20.85 -13.65
N SER B 142 -4.49 22.02 -14.27
CA SER B 142 -5.55 22.30 -15.22
C SER B 142 -5.48 21.44 -16.49
N ALA B 143 -4.31 20.92 -16.82
CA ALA B 143 -4.17 20.10 -18.03
C ALA B 143 -4.60 18.65 -17.77
N LEU B 144 -4.94 18.36 -16.53
CA LEU B 144 -5.18 16.99 -16.09
C LEU B 144 -6.64 16.73 -15.72
N LEU B 145 -7.42 17.81 -15.68
CA LEU B 145 -8.82 17.73 -15.28
C LEU B 145 -9.72 18.34 -16.35
N PRO B 146 -10.98 17.89 -16.43
CA PRO B 146 -11.93 18.57 -17.32
C PRO B 146 -12.04 20.04 -16.91
N ALA B 147 -12.35 20.94 -17.86
CA ALA B 147 -12.38 22.38 -17.59
C ALA B 147 -13.28 22.75 -16.42
N SER B 148 -14.47 22.15 -16.42
CA SER B 148 -15.48 22.43 -15.40
C SER B 148 -15.02 22.01 -14.01
N VAL B 149 -14.39 20.84 -13.93
CA VAL B 149 -13.84 20.32 -12.69
C VAL B 149 -12.83 21.28 -12.10
N HIS B 150 -11.92 21.76 -12.95
CA HIS B 150 -10.86 22.64 -12.50
C HIS B 150 -11.44 23.92 -11.89
N GLN B 151 -12.43 24.49 -12.58
CA GLN B 151 -13.13 25.67 -12.06
C GLN B 151 -13.74 25.40 -10.68
N ARG B 152 -14.46 24.28 -10.55
CA ARG B 152 -15.09 23.92 -9.28
C ARG B 152 -14.08 23.67 -8.15
N LEU B 153 -12.94 23.07 -8.50
CA LEU B 153 -11.93 22.68 -7.53
C LEU B 153 -11.26 23.92 -6.91
N LEU B 154 -11.09 24.96 -7.72
CA LEU B 154 -10.55 26.23 -7.24
C LEU B 154 -11.51 26.87 -6.24
N GLY B 155 -12.80 26.64 -6.43
CA GLY B 155 -13.82 27.16 -5.53
C GLY B 155 -13.75 26.53 -4.14
N LYS B 156 -13.65 25.20 -4.10
CA LYS B 156 -13.60 24.49 -2.82
C LYS B 156 -12.37 24.85 -1.99
N LEU B 157 -11.32 25.33 -2.66
CA LEU B 157 -10.06 25.65 -2.00
C LEU B 157 -10.02 27.08 -1.45
N ARG B 158 -10.81 27.97 -2.06
CA ARG B 158 -10.83 29.38 -1.66
C ARG B 158 -11.35 29.58 -0.23
N MET C 2 27.18 24.77 -11.94
CA MET C 2 26.40 24.98 -10.72
C MET C 2 25.30 23.92 -10.58
N THR C 3 25.70 22.64 -10.62
CA THR C 3 24.73 21.55 -10.54
C THR C 3 24.22 21.35 -9.11
N GLY C 4 23.07 20.71 -8.96
CA GLY C 4 22.56 20.51 -7.62
C GLY C 4 21.34 19.64 -7.58
N ALA C 5 21.14 18.95 -6.45
CA ALA C 5 19.92 18.16 -6.28
C ALA C 5 19.40 18.22 -4.85
N VAL C 6 18.13 17.88 -4.70
CA VAL C 6 17.50 17.82 -3.40
C VAL C 6 17.16 16.36 -3.06
N CYS C 7 17.49 15.95 -1.84
CA CYS C 7 17.12 14.61 -1.32
C CYS C 7 16.03 14.74 -0.26
N PRO C 8 14.78 14.39 -0.60
CA PRO C 8 13.64 14.61 0.30
C PRO C 8 13.33 13.41 1.19
N GLY C 9 12.70 13.68 2.32
CA GLY C 9 12.14 12.62 3.13
C GLY C 9 11.68 13.13 4.47
N SER C 10 11.13 12.23 5.28
CA SER C 10 10.78 12.57 6.66
CA SER C 10 10.79 12.59 6.66
C SER C 10 11.96 12.31 7.59
N PHE C 11 12.74 11.27 7.27
CA PHE C 11 13.95 10.91 8.02
C PHE C 11 13.71 10.83 9.53
N ASP C 12 12.78 9.96 9.92
CA ASP C 12 12.36 9.85 11.32
C ASP C 12 12.65 8.46 11.92
N PRO C 13 13.92 8.12 12.13
CA PRO C 13 15.14 8.89 11.89
C PRO C 13 15.83 8.51 10.59
N VAL C 14 16.86 9.28 10.25
CA VAL C 14 17.74 8.96 9.14
C VAL C 14 18.42 7.61 9.39
N THR C 15 18.46 6.78 8.36
CA THR C 15 19.10 5.48 8.41
C THR C 15 20.37 5.46 7.58
N LEU C 16 21.12 4.36 7.65
CA LEU C 16 22.31 4.22 6.82
C LEU C 16 21.91 4.11 5.35
N GLY C 17 20.68 3.68 5.09
CA GLY C 17 20.18 3.65 3.72
C GLY C 17 20.04 5.03 3.13
N HIS C 18 19.53 5.97 3.93
CA HIS C 18 19.43 7.36 3.52
C HIS C 18 20.82 7.96 3.34
N LEU C 19 21.69 7.73 4.32
CA LEU C 19 23.04 8.30 4.29
C LEU C 19 23.80 7.84 3.06
N ASP C 20 23.62 6.58 2.68
CA ASP C 20 24.20 6.06 1.46
C ASP C 20 23.79 6.91 0.26
N VAL C 21 22.49 7.22 0.18
CA VAL C 21 21.98 8.03 -0.93
C VAL C 21 22.52 9.46 -0.88
N PHE C 22 22.58 10.04 0.33
CA PHE C 22 23.16 11.38 0.49
C PHE C 22 24.58 11.42 -0.07
N GLU C 23 25.37 10.40 0.25
CA GLU C 23 26.78 10.37 -0.11
C GLU C 23 26.93 10.26 -1.62
N ARG C 24 26.08 9.48 -2.25
CA ARG C 24 26.12 9.31 -3.70
CA ARG C 24 26.15 9.31 -3.70
C ARG C 24 25.68 10.57 -4.42
N ALA C 25 24.65 11.24 -3.89
CA ALA C 25 24.21 12.50 -4.46
C ALA C 25 25.30 13.55 -4.28
N ALA C 26 25.90 13.60 -3.10
CA ALA C 26 26.98 14.56 -2.85
C ALA C 26 28.20 14.33 -3.76
N ALA C 27 28.41 13.09 -4.18
CA ALA C 27 29.55 12.76 -5.03
C ALA C 27 29.33 13.15 -6.50
N GLN C 28 28.08 13.38 -6.89
CA GLN C 28 27.76 13.55 -8.31
C GLN C 28 27.16 14.93 -8.65
N PHE C 29 26.80 15.69 -7.63
CA PHE C 29 26.28 17.04 -7.81
C PHE C 29 27.08 18.02 -6.98
N ASP C 30 27.19 19.26 -7.45
CA ASP C 30 28.01 20.25 -6.75
C ASP C 30 27.37 20.64 -5.41
N GLU C 31 26.05 20.66 -5.38
CA GLU C 31 25.28 21.12 -4.23
C GLU C 31 24.19 20.10 -3.92
N VAL C 32 24.10 19.66 -2.67
CA VAL C 32 23.01 18.79 -2.27
C VAL C 32 22.29 19.36 -1.07
N ILE C 33 20.97 19.40 -1.13
CA ILE C 33 20.14 19.84 -0.02
C ILE C 33 19.24 18.70 0.43
N VAL C 34 19.39 18.32 1.69
CA VAL C 34 18.46 17.36 2.27
C VAL C 34 17.23 18.12 2.73
N ALA C 35 16.07 17.69 2.25
CA ALA C 35 14.80 18.35 2.54
C ALA C 35 14.00 17.54 3.52
N VAL C 36 13.86 18.05 4.72
CA VAL C 36 13.17 17.37 5.80
C VAL C 36 11.73 17.85 5.91
N LEU C 37 10.81 16.92 5.66
CA LEU C 37 9.39 17.24 5.70
C LEU C 37 8.90 17.63 7.09
N ILE C 38 8.25 18.78 7.18
CA ILE C 38 7.41 19.14 8.32
C ILE C 38 5.98 18.75 7.96
N ASN C 39 5.39 17.84 8.73
CA ASN C 39 4.08 17.30 8.34
C ASN C 39 3.18 16.82 9.47
N PRO C 40 3.25 17.48 10.64
CA PRO C 40 2.43 17.11 11.80
C PRO C 40 0.93 17.21 11.51
N ALA C 43 4.43 14.47 14.83
CA ALA C 43 3.57 13.40 14.37
C ALA C 43 4.32 12.07 14.37
N GLY C 44 5.64 12.16 14.35
CA GLY C 44 6.50 10.98 14.37
C GLY C 44 7.21 10.85 15.70
N MET C 45 8.36 10.21 15.69
CA MET C 45 9.11 9.98 16.92
C MET C 45 10.03 11.14 17.27
N PHE C 46 10.67 11.73 16.26
CA PHE C 46 11.61 12.82 16.49
C PHE C 46 11.08 14.14 15.96
N THR C 47 11.37 15.23 16.67
CA THR C 47 10.99 16.57 16.20
C THR C 47 11.81 16.91 14.98
N VAL C 48 11.33 17.89 14.20
CA VAL C 48 12.05 18.32 13.00
C VAL C 48 13.47 18.75 13.33
N ASP C 49 13.63 19.51 14.43
CA ASP C 49 14.96 19.94 14.85
C ASP C 49 15.87 18.75 15.12
N GLU C 50 15.37 17.76 15.85
CA GLU C 50 16.16 16.57 16.15
C GLU C 50 16.53 15.78 14.90
N ARG C 51 15.60 15.70 13.95
CA ARG C 51 15.85 15.01 12.69
CA ARG C 51 15.86 15.00 12.70
C ARG C 51 16.94 15.71 11.89
N ILE C 52 16.87 17.04 11.86
CA ILE C 52 17.88 17.83 11.19
C ILE C 52 19.24 17.63 11.84
N GLU C 53 19.27 17.71 13.17
CA GLU C 53 20.50 17.53 13.93
C GLU C 53 21.15 16.18 13.62
N MET C 54 20.37 15.11 13.61
CA MET C 54 20.91 13.77 13.37
C MET C 54 21.46 13.63 11.96
N ILE C 55 20.83 14.30 10.98
CA ILE C 55 21.35 14.24 9.63
C ILE C 55 22.63 15.05 9.55
N ARG C 56 22.64 16.22 10.17
CA ARG C 56 23.84 17.07 10.19
C ARG C 56 25.03 16.37 10.85
N GLU C 57 24.79 15.70 11.99
CA GLU C 57 25.83 14.89 12.63
C GLU C 57 26.40 13.81 11.70
N SER C 58 25.53 13.20 10.90
CA SER C 58 25.92 12.04 10.11
C SER C 58 26.53 12.39 8.76
N THR C 59 26.45 13.65 8.36
CA THR C 59 26.96 14.07 7.06
C THR C 59 28.07 15.11 7.19
N ALA C 60 28.79 15.08 8.31
CA ALA C 60 29.80 16.11 8.58
C ALA C 60 30.91 16.09 7.53
N ASP C 61 31.20 14.90 6.99
CA ASP C 61 32.26 14.71 5.99
C ASP C 61 31.80 15.04 4.57
N LEU C 62 30.56 15.51 4.44
CA LEU C 62 30.03 15.90 3.14
C LEU C 62 29.92 17.43 3.08
N PRO C 63 30.98 18.09 2.59
CA PRO C 63 31.09 19.57 2.61
C PRO C 63 30.04 20.27 1.76
N ASN C 64 29.56 19.61 0.70
CA ASN C 64 28.63 20.26 -0.21
C ASN C 64 27.17 19.90 0.05
N LEU C 65 26.90 19.37 1.22
CA LEU C 65 25.53 19.02 1.63
C LEU C 65 25.06 19.93 2.75
N ARG C 66 23.81 20.36 2.67
CA ARG C 66 23.18 21.05 3.78
C ARG C 66 21.78 20.50 4.03
N VAL C 67 21.22 20.81 5.20
CA VAL C 67 19.97 20.23 5.64
C VAL C 67 18.98 21.32 5.98
N GLU C 68 17.78 21.23 5.42
CA GLU C 68 16.75 22.23 5.66
C GLU C 68 15.38 21.59 5.77
N SER C 69 14.48 22.23 6.49
CA SER C 69 13.14 21.72 6.65
C SER C 69 12.19 22.42 5.69
N GLY C 70 11.02 21.86 5.49
CA GLY C 70 10.01 22.53 4.69
C GLY C 70 8.71 21.78 4.68
N GLN C 71 7.68 22.41 4.10
CA GLN C 71 6.41 21.75 3.88
C GLN C 71 5.79 22.25 2.58
N GLY C 72 4.62 21.71 2.23
CA GLY C 72 3.97 22.05 0.97
C GLY C 72 4.53 21.18 -0.14
N LEU C 73 4.54 21.71 -1.36
CA LEU C 73 5.03 20.97 -2.52
C LEU C 73 6.54 20.88 -2.55
N LEU C 74 7.05 19.66 -2.70
CA LEU C 74 8.48 19.50 -2.85
C LEU C 74 9.04 20.33 -4.01
N VAL C 75 8.30 20.43 -5.11
CA VAL C 75 8.85 21.15 -6.25
C VAL C 75 9.04 22.63 -5.96
N ASP C 76 8.24 23.17 -5.04
CA ASP C 76 8.41 24.56 -4.65
C ASP C 76 9.67 24.71 -3.80
N PHE C 77 9.92 23.72 -2.94
CA PHE C 77 11.15 23.70 -2.17
C PHE C 77 12.35 23.70 -3.09
N VAL C 78 12.30 22.84 -4.10
CA VAL C 78 13.41 22.66 -5.01
C VAL C 78 13.66 23.94 -5.82
N ARG C 79 12.59 24.48 -6.39
CA ARG C 79 12.75 25.62 -7.30
C ARG C 79 13.06 26.93 -6.58
N GLU C 80 12.58 27.07 -5.35
CA GLU C 80 12.88 28.27 -4.56
C GLU C 80 14.36 28.36 -4.22
N ARG C 81 15.08 27.26 -4.41
CA ARG C 81 16.50 27.23 -4.14
C ARG C 81 17.33 27.20 -5.41
N GLY C 82 16.66 27.40 -6.55
CA GLY C 82 17.31 27.51 -7.83
C GLY C 82 17.67 26.18 -8.50
N LEU C 83 17.11 25.10 -7.98
CA LEU C 83 17.45 23.78 -8.49
C LEU C 83 16.28 23.19 -9.23
N ASN C 84 16.48 22.09 -9.95
CA ASN C 84 15.34 21.37 -10.52
C ASN C 84 15.61 19.87 -10.69
N ALA C 85 16.30 19.31 -9.70
CA ALA C 85 16.50 17.88 -9.65
C ALA C 85 16.26 17.38 -8.23
N ILE C 86 15.59 16.23 -8.15
CA ILE C 86 15.39 15.47 -6.93
C ILE C 86 16.17 14.17 -7.05
N VAL C 87 16.89 13.76 -6.00
CA VAL C 87 17.49 12.43 -5.99
C VAL C 87 16.83 11.62 -4.89
N LYS C 88 16.32 10.45 -5.26
CA LYS C 88 15.58 9.63 -4.29
C LYS C 88 16.11 8.19 -4.35
N GLY C 89 16.25 7.57 -3.19
CA GLY C 89 16.75 6.19 -3.18
C GLY C 89 15.61 5.20 -3.31
N LEU C 90 15.90 4.05 -3.91
CA LEU C 90 14.89 3.01 -4.13
C LEU C 90 15.29 1.73 -3.42
N ARG C 91 14.44 0.73 -3.60
CA ARG C 91 14.57 -0.65 -3.07
C ARG C 91 13.93 -1.64 -4.04
N THR C 92 12.73 -1.35 -4.51
CA THR C 92 12.01 -2.35 -5.31
C THR C 92 11.31 -1.72 -6.51
N GLY C 93 10.73 -2.59 -7.33
CA GLY C 93 9.94 -2.21 -8.51
C GLY C 93 8.63 -1.61 -8.07
N THR C 94 8.12 -1.98 -6.89
CA THR C 94 6.87 -1.44 -6.33
C THR C 94 7.12 0.03 -5.97
N ASP C 95 8.18 0.30 -5.24
CA ASP C 95 8.51 1.68 -4.92
C ASP C 95 8.71 2.50 -6.18
N PHE C 96 9.21 1.89 -7.24
CA PHE C 96 9.36 2.63 -8.46
C PHE C 96 7.97 3.19 -8.88
N GLU C 97 6.90 2.40 -8.69
CA GLU C 97 5.56 2.74 -9.23
C GLU C 97 4.86 3.97 -8.63
N TYR C 98 4.75 4.02 -7.31
CA TYR C 98 4.16 5.19 -6.68
C TYR C 98 5.12 6.38 -6.82
N GLU C 99 6.43 6.13 -6.67
CA GLU C 99 7.41 7.18 -6.91
C GLU C 99 7.42 7.66 -8.37
N LEU C 100 7.16 6.74 -9.32
CA LEU C 100 7.07 7.10 -10.74
C LEU C 100 5.96 8.10 -10.98
N GLN C 101 4.81 7.86 -10.35
CA GLN C 101 3.66 8.75 -10.50
C GLN C 101 4.02 10.15 -10.03
N MET C 102 4.67 10.23 -8.88
CA MET C 102 5.01 11.54 -8.31
C MET C 102 6.08 12.22 -9.15
N ALA C 103 7.04 11.45 -9.64
CA ALA C 103 8.09 12.03 -10.48
C ALA C 103 7.48 12.64 -11.74
N GLN C 104 6.55 11.94 -12.37
CA GLN C 104 5.97 12.49 -13.59
C GLN C 104 5.07 13.69 -13.31
N MET C 105 4.37 13.67 -12.17
CA MET C 105 3.59 14.84 -11.77
C MET C 105 4.51 16.03 -11.52
N ASN C 106 5.60 15.80 -10.78
CA ASN C 106 6.54 16.86 -10.46
C ASN C 106 7.20 17.47 -11.69
N LYS C 107 7.47 16.63 -12.69
CA LYS C 107 8.03 17.09 -13.95
C LYS C 107 6.99 17.95 -14.65
N HIS C 108 5.75 17.48 -14.61
CA HIS C 108 4.67 18.17 -15.31
C HIS C 108 4.42 19.56 -14.74
N ILE C 109 4.37 19.68 -13.42
CA ILE C 109 3.88 20.93 -12.83
C ILE C 109 4.98 21.95 -12.63
N ALA C 110 6.23 21.51 -12.68
CA ALA C 110 7.34 22.40 -12.31
C ALA C 110 8.62 22.16 -13.09
N GLY C 111 8.64 21.18 -13.98
CA GLY C 111 9.81 20.90 -14.77
C GLY C 111 10.97 20.36 -13.97
N VAL C 112 10.67 19.79 -12.80
CA VAL C 112 11.71 19.21 -11.94
C VAL C 112 11.91 17.74 -12.27
N ASP C 113 13.17 17.34 -12.52
CA ASP C 113 13.53 15.96 -12.83
C ASP C 113 13.76 15.17 -11.54
N THR C 114 13.50 13.87 -11.59
CA THR C 114 13.79 13.00 -10.44
C THR C 114 14.75 11.88 -10.85
N PHE C 115 15.86 11.77 -10.13
CA PHE C 115 16.81 10.70 -10.39
C PHE C 115 16.71 9.68 -9.27
N PHE C 116 16.55 8.42 -9.63
CA PHE C 116 16.44 7.37 -8.63
C PHE C 116 17.74 6.59 -8.51
N VAL C 117 18.15 6.25 -7.29
CA VAL C 117 19.33 5.42 -7.12
C VAL C 117 19.04 4.21 -6.24
N ALA C 118 19.55 3.06 -6.69
CA ALA C 118 19.42 1.82 -5.93
C ALA C 118 20.15 1.89 -4.61
N THR C 119 19.45 1.52 -3.54
CA THR C 119 20.03 1.35 -2.23
C THR C 119 21.21 0.37 -2.27
N ALA C 120 22.23 0.59 -1.45
CA ALA C 120 23.29 -0.41 -1.31
C ALA C 120 22.66 -1.70 -0.79
N PRO C 121 23.08 -2.86 -1.33
CA PRO C 121 22.50 -4.14 -0.92
C PRO C 121 22.40 -4.30 0.60
N ALA C 122 23.43 -3.88 1.33
CA ALA C 122 23.48 -4.07 2.78
C ALA C 122 22.43 -3.27 3.54
N TYR C 123 22.01 -2.15 2.96
CA TYR C 123 21.11 -1.22 3.63
C TYR C 123 19.72 -1.29 3.04
N SER C 124 19.45 -2.37 2.31
CA SER C 124 18.30 -2.46 1.43
C SER C 124 17.01 -2.86 2.13
N PHE C 125 17.08 -3.41 3.33
CA PHE C 125 15.86 -3.83 4.00
C PHE C 125 15.56 -2.91 5.16
N VAL C 126 16.35 -1.87 5.36
CA VAL C 126 16.11 -0.97 6.48
CA VAL C 126 16.11 -0.99 6.47
C VAL C 126 15.25 0.19 6.01
N SER C 127 14.30 0.56 6.84
CA SER C 127 13.49 1.74 6.65
C SER C 127 13.35 2.36 8.04
N SER C 128 13.00 3.64 8.11
CA SER C 128 12.85 4.29 9.39
C SER C 128 11.79 3.58 10.23
N SER C 129 10.68 3.22 9.60
CA SER C 129 9.57 2.60 10.32
CA SER C 129 9.57 2.60 10.32
C SER C 129 9.92 1.22 10.83
N LEU C 130 10.50 0.38 9.98
CA LEU C 130 10.87 -0.97 10.42
C LEU C 130 11.94 -0.94 11.50
N ALA C 131 12.88 -0.01 11.38
CA ALA C 131 13.94 0.09 12.40
C ALA C 131 13.36 0.50 13.76
N LYS C 132 12.39 1.40 13.74
CA LYS C 132 11.75 1.85 14.97
C LYS C 132 10.96 0.71 15.61
N GLU C 133 10.18 0.03 14.79
CA GLU C 133 9.38 -1.10 15.24
C GLU C 133 10.23 -2.20 15.88
N VAL C 134 11.28 -2.63 15.19
CA VAL C 134 12.17 -3.66 15.71
C VAL C 134 12.84 -3.20 17.01
N ALA C 135 13.36 -1.97 17.03
CA ALA C 135 14.03 -1.45 18.20
C ALA C 135 13.08 -1.36 19.39
N THR C 136 11.81 -1.05 19.10
CA THR C 136 10.79 -0.91 20.13
C THR C 136 10.57 -2.22 20.87
N TYR C 137 10.69 -3.33 20.13
CA TYR C 137 10.54 -4.65 20.75
C TYR C 137 11.89 -5.27 21.11
N GLY C 138 12.93 -4.45 21.12
CA GLY C 138 14.22 -4.87 21.64
C GLY C 138 15.21 -5.48 20.66
N GLY C 139 14.87 -5.49 19.38
CA GLY C 139 15.78 -5.98 18.36
C GLY C 139 16.94 -5.02 18.17
N ASP C 140 18.10 -5.57 17.81
CA ASP C 140 19.32 -4.79 17.65
C ASP C 140 19.43 -4.24 16.23
N VAL C 141 19.22 -2.94 16.09
CA VAL C 141 19.29 -2.27 14.79
C VAL C 141 20.54 -1.41 14.66
N SER C 142 21.48 -1.59 15.59
CA SER C 142 22.68 -0.75 15.65
C SER C 142 23.51 -0.78 14.36
N ALA C 143 23.45 -1.87 13.58
CA ALA C 143 24.19 -1.92 12.32
C ALA C 143 23.50 -1.18 11.17
N LEU C 144 22.30 -0.68 11.39
CA LEU C 144 21.49 -0.13 10.31
C LEU C 144 21.33 1.38 10.37
N LEU C 145 21.88 1.98 11.43
CA LEU C 145 21.67 3.39 11.76
C LEU C 145 23.02 4.02 12.07
N PRO C 146 23.17 5.32 11.78
CA PRO C 146 24.39 6.01 12.23
C PRO C 146 24.54 5.92 13.75
N ALA C 147 25.77 5.81 14.25
CA ALA C 147 26.04 5.65 15.69
C ALA C 147 25.29 6.68 16.53
N SER C 148 25.44 7.94 16.15
CA SER C 148 24.61 9.04 16.63
C SER C 148 23.17 8.67 16.87
N VAL C 149 22.48 8.45 15.75
CA VAL C 149 21.08 8.13 15.70
C VAL C 149 20.70 6.97 16.62
N HIS C 150 21.50 5.92 16.59
CA HIS C 150 21.19 4.73 17.39
C HIS C 150 21.10 5.04 18.88
N GLN C 151 22.09 5.75 19.40
CA GLN C 151 22.04 6.15 20.80
C GLN C 151 20.83 7.05 21.09
N ARG C 152 20.49 7.90 20.12
CA ARG C 152 19.38 8.83 20.27
C ARG C 152 18.03 8.11 20.32
N LEU C 153 17.91 7.07 19.50
CA LEU C 153 16.71 6.23 19.46
C LEU C 153 16.50 5.47 20.77
N LEU C 154 17.58 4.90 21.29
CA LEU C 154 17.53 4.19 22.56
C LEU C 154 17.01 5.12 23.67
N GLY C 155 17.42 6.38 23.60
CA GLY C 155 16.93 7.40 24.50
C GLY C 155 15.43 7.64 24.43
N LYS C 156 14.87 7.69 23.22
CA LYS C 156 13.44 7.90 23.05
C LYS C 156 12.60 6.74 23.59
N LEU C 157 13.19 5.54 23.61
CA LEU C 157 12.44 4.35 23.99
C LEU C 157 12.49 4.09 25.50
N ARG C 158 13.60 4.49 26.12
CA ARG C 158 13.77 4.30 27.55
C ARG C 158 13.34 5.55 28.33
C13 I7W D . -18.98 1.47 -6.13
O01 I7W D . -14.71 1.72 -6.97
C02 I7W D . -15.12 1.05 -5.97
O03 I7W D . -14.39 0.48 -5.13
C04 I7W D . -16.62 0.86 -5.79
C05 I7W D . -17.06 -0.24 -5.03
C06 I7W D . -18.39 -0.49 -4.82
C07 I7W D . -19.39 0.35 -5.36
C08 I7W D . -20.77 0.09 -5.14
C09 I7W D . -21.69 0.95 -5.70
F10 I7W D . -23.00 0.73 -5.53
C11 I7W D . -21.30 2.07 -6.47
C12 I7W D . -19.96 2.31 -6.66
C14 I7W D . -17.58 1.71 -6.33
C13 I7W E . 9.38 17.38 1.50
O01 I7W E . 7.52 13.27 -0.27
C02 I7W E . 8.25 13.73 0.67
O03 I7W E . 8.90 13.04 1.48
C04 I7W E . 8.35 15.26 0.80
C05 I7W E . 7.29 16.01 0.24
C06 I7W E . 7.26 17.36 0.30
C07 I7W E . 8.31 18.09 0.93
C08 I7W E . 8.28 19.51 0.97
C09 I7W E . 9.30 20.17 1.59
F10 I7W E . 9.28 21.51 1.64
C11 I7W E . 10.39 19.50 2.17
C12 I7W E . 10.42 18.12 2.12
C14 I7W E . 9.38 15.94 1.43
#